data_4K99
#
_entry.id   4K99
#
_cell.length_a   85.124
_cell.length_b   97.613
_cell.length_c   131.372
_cell.angle_alpha   90.00
_cell.angle_beta   90.00
_cell.angle_gamma   90.00
#
_symmetry.space_group_name_H-M   'I 2 2 2'
#
loop_
_entity.id
_entity.type
_entity.pdbx_description
1 polymer 'Cyclic GMP-AMP synthase'
2 polymer DNA-F
3 polymer DNA-R
4 non-polymer 'ZINC ION'
5 non-polymer 'MAGNESIUM ION'
6 non-polymer "3'-DEOXY-GUANOSINE-5'-TRIPHOSPHATE"
7 non-polymer "3'-deoxy-guanosine 5'-monophosphate"
8 water water
#
loop_
_entity_poly.entity_id
_entity_poly.type
_entity_poly.pdbx_seq_one_letter_code
_entity_poly.pdbx_strand_id
1 'polypeptide(L)'
;SPDKLKKVLDKLRLKRKDISEAAETVNKVVERLLRRMQKRESEFKGVEQLNTGSYYEHVKISAPNEFDVMFKLEVPRIEL
QEYYETGAFYLVKFKRIPRGNPLSHFLEGEVLSATKMLSKFRKIIKEEVKEIKDIDVSVEKEKPGSPAVTLLIRNPEEIS
VDIILALESKGSWPISTKEGLPIQGWLGTKVRTNLRREPFYLVPKNAKDGNSFQGETWRLSFSHTEKYILNNHGIEKTCC
ESSGAKCCRKECLKLMKYLLEQLKKEFQELDAFCSYHVKTAIFHMWTQDPQDSQWDPRNLSSCFDKLLAFFLECLRTEKL
DHYFIPKFNLFSQELIDRKSKEFLSKKIEYERNNGFPIFDKL
;
A
2 'polydeoxyribonucleotide' (DA)(DA)(DA)(DT)(DT)(DG)(DC)(DC)(DG)(DA)(DA)(DG)(DA)(DC)(DG)(DA)(DA) D
3 'polydeoxyribonucleotide' (DT)(DT)(DT)(DC)(DG)(DT)(DC)(DT)(DT)(DC)(DG)(DG)(DC)(DA)(DA)(DT)(DT) E
#
loop_
_chem_comp.id
_chem_comp.type
_chem_comp.name
_chem_comp.formula
DA DNA linking 2'-DEOXYADENOSINE-5'-MONOPHOSPHATE 'C10 H14 N5 O6 P'
DC DNA linking 2'-DEOXYCYTIDINE-5'-MONOPHOSPHATE 'C9 H14 N3 O7 P'
DG DNA linking 2'-DEOXYGUANOSINE-5'-MONOPHOSPHATE 'C10 H14 N5 O7 P'
DT DNA linking THYMIDINE-5'-MONOPHOSPHATE 'C10 H15 N2 O8 P'
GDO RNA linking '3'-deoxy-guanosine 5'-monophosphate' 'C10 H14 N5 O7 P'
GH3 RNA linking 3'-DEOXY-GUANOSINE-5'-TRIPHOSPHATE 'C10 H16 N5 O13 P3'
MG non-polymer 'MAGNESIUM ION' 'Mg 2'
ZN non-polymer 'ZINC ION' 'Zn 2'
#
# COMPACT_ATOMS: atom_id res chain seq x y z
N LYS A 4 26.07 -11.52 -5.37
CA LYS A 4 25.34 -10.85 -6.44
C LYS A 4 24.07 -10.15 -5.97
N LEU A 5 23.26 -10.84 -5.16
CA LEU A 5 22.05 -10.23 -4.64
C LEU A 5 22.47 -9.05 -3.77
N LYS A 6 23.59 -9.22 -3.09
CA LYS A 6 24.15 -8.16 -2.26
C LYS A 6 24.48 -6.93 -3.12
N LYS A 7 25.08 -7.16 -4.28
CA LYS A 7 25.37 -6.07 -5.20
C LYS A 7 24.11 -5.36 -5.72
N VAL A 8 23.08 -6.13 -6.01
CA VAL A 8 21.79 -5.56 -6.41
C VAL A 8 21.24 -4.68 -5.28
N LEU A 9 21.17 -5.22 -4.07
CA LEU A 9 20.72 -4.45 -2.91
C LEU A 9 21.49 -3.13 -2.70
N ASP A 10 22.80 -3.16 -2.95
CA ASP A 10 23.62 -1.95 -2.91
C ASP A 10 23.13 -0.91 -3.89
N LYS A 11 22.75 -1.35 -5.08
CA LYS A 11 22.30 -0.42 -6.09
C LYS A 11 20.87 0.06 -5.81
N LEU A 12 20.06 -0.82 -5.24
CA LEU A 12 18.69 -0.47 -4.84
C LEU A 12 18.65 0.47 -3.65
N ARG A 13 19.70 0.43 -2.82
CA ARG A 13 19.72 1.20 -1.59
C ARG A 13 19.60 2.69 -1.90
N LEU A 14 18.79 3.40 -1.13
CA LEU A 14 18.60 4.83 -1.37
C LEU A 14 19.80 5.64 -0.87
N LYS A 15 20.11 6.75 -1.54
CA LYS A 15 21.19 7.64 -1.11
C LYS A 15 20.64 8.75 -0.22
N ARG A 16 21.36 9.06 0.86
CA ARG A 16 20.91 10.09 1.80
C ARG A 16 20.76 11.45 1.13
N LYS A 17 21.70 11.79 0.26
CA LYS A 17 21.60 13.04 -0.47
C LYS A 17 20.28 13.13 -1.23
N ASP A 18 19.90 12.03 -1.89
CA ASP A 18 18.64 12.02 -2.63
C ASP A 18 17.46 12.08 -1.66
N ILE A 19 17.59 11.35 -0.56
CA ILE A 19 16.56 11.36 0.47
C ILE A 19 16.33 12.78 1.03
N SER A 20 17.42 13.47 1.36
CA SER A 20 17.31 14.82 1.92
C SER A 20 16.62 15.76 0.93
N GLU A 21 17.10 15.79 -0.30
CA GLU A 21 16.54 16.70 -1.30
C GLU A 21 15.06 16.41 -1.60
N ALA A 22 14.70 15.13 -1.66
CA ALA A 22 13.32 14.76 -1.95
C ALA A 22 12.36 15.04 -0.78
N ALA A 23 12.76 14.62 0.42
CA ALA A 23 11.96 14.84 1.61
C ALA A 23 11.72 16.32 1.85
N GLU A 24 12.73 17.15 1.61
CA GLU A 24 12.58 18.57 1.88
C GLU A 24 11.41 19.13 1.07
N THR A 25 11.39 18.81 -0.23
CA THR A 25 10.35 19.33 -1.12
C THR A 25 9.00 18.68 -0.82
N VAL A 26 8.98 17.35 -0.68
CA VAL A 26 7.73 16.65 -0.40
C VAL A 26 7.07 17.16 0.86
N ASN A 27 7.86 17.34 1.91
CA ASN A 27 7.33 17.78 3.19
C ASN A 27 6.73 19.19 3.08
N LYS A 28 7.38 20.03 2.30
CA LYS A 28 6.87 21.39 2.10
C LYS A 28 5.52 21.38 1.40
N VAL A 29 5.41 20.59 0.36
CA VAL A 29 4.17 20.53 -0.43
C VAL A 29 3.02 19.93 0.38
N VAL A 30 3.29 18.83 1.06
CA VAL A 30 2.26 18.18 1.85
C VAL A 30 1.80 19.03 3.03
N GLU A 31 2.75 19.63 3.74
CA GLU A 31 2.45 20.48 4.88
C GLU A 31 1.52 21.60 4.44
N ARG A 32 1.77 22.11 3.25
CA ARG A 32 0.95 23.18 2.71
C ARG A 32 -0.48 22.73 2.35
N LEU A 33 -0.59 21.59 1.67
CA LEU A 33 -1.91 21.04 1.33
C LEU A 33 -2.71 20.70 2.58
N LEU A 34 -2.03 20.13 3.58
CA LEU A 34 -2.70 19.74 4.82
C LEU A 34 -3.23 20.96 5.57
N ARG A 35 -2.40 21.98 5.70
CA ARG A 35 -2.82 23.23 6.33
C ARG A 35 -4.05 23.81 5.62
N ARG A 36 -4.06 23.74 4.28
CA ARG A 36 -5.19 24.19 3.46
C ARG A 36 -6.49 23.50 3.83
N MET A 37 -6.44 22.17 3.90
CA MET A 37 -7.60 21.37 4.27
C MET A 37 -8.12 21.78 5.63
N GLN A 38 -7.19 22.10 6.52
CA GLN A 38 -7.51 22.31 7.93
C GLN A 38 -8.19 23.65 8.18
N LYS A 39 -8.22 24.49 7.14
CA LYS A 39 -8.82 25.82 7.22
C LYS A 39 -9.55 26.19 5.93
N ARG A 40 -10.84 26.43 6.01
CA ARG A 40 -11.60 26.35 7.25
C ARG A 40 -12.93 25.72 6.95
N GLU A 41 -13.79 26.52 6.31
CA GLU A 41 -15.14 26.11 5.99
C GLU A 41 -15.12 25.05 4.89
N SER A 42 -14.43 23.95 5.20
CA SER A 42 -14.34 22.81 4.30
C SER A 42 -14.84 21.58 5.04
N GLU A 43 -15.26 20.58 4.29
CA GLU A 43 -15.78 19.35 4.86
C GLU A 43 -14.66 18.45 5.35
N PHE A 44 -13.42 18.86 5.10
CA PHE A 44 -12.27 18.05 5.46
C PHE A 44 -11.47 18.65 6.61
N LYS A 45 -12.07 19.62 7.30
CA LYS A 45 -11.34 20.45 8.25
C LYS A 45 -10.50 19.68 9.28
N GLY A 46 -11.03 18.56 9.78
CA GLY A 46 -10.33 17.80 10.78
C GLY A 46 -9.38 16.70 10.31
N VAL A 47 -8.93 16.76 9.05
CA VAL A 47 -8.04 15.70 8.58
C VAL A 47 -6.67 15.75 9.26
N GLU A 48 -6.10 14.57 9.46
CA GLU A 48 -4.78 14.45 10.05
C GLU A 48 -3.94 13.61 9.11
N GLN A 49 -2.62 13.78 9.18
CA GLN A 49 -1.72 13.15 8.25
C GLN A 49 -1.18 11.83 8.79
N LEU A 50 -1.03 10.86 7.91
CA LEU A 50 -0.38 9.61 8.25
C LEU A 50 0.45 9.23 7.04
N ASN A 51 1.75 9.19 7.21
CA ASN A 51 2.63 8.82 6.11
C ASN A 51 2.61 7.30 5.95
N THR A 52 2.54 6.81 4.71
CA THR A 52 2.38 5.37 4.47
C THR A 52 3.26 4.86 3.32
N GLY A 53 3.22 3.55 3.09
CA GLY A 53 3.86 2.99 1.91
C GLY A 53 5.37 2.83 2.01
N SER A 54 6.01 2.48 0.90
CA SER A 54 7.37 1.95 0.95
C SER A 54 8.44 2.93 1.45
N TYR A 55 8.34 4.21 1.12
CA TYR A 55 9.34 5.16 1.60
C TYR A 55 9.36 5.20 3.14
N TYR A 56 8.19 5.28 3.76
CA TYR A 56 8.14 5.40 5.21
C TYR A 56 8.31 4.05 5.93
N GLU A 57 8.17 2.97 5.16
CA GLU A 57 8.43 1.63 5.69
C GLU A 57 9.88 1.20 5.44
N HIS A 58 10.64 2.04 4.74
CA HIS A 58 12.04 1.78 4.40
C HIS A 58 12.22 0.59 3.44
N VAL A 59 11.25 0.37 2.57
CA VAL A 59 11.42 -0.68 1.54
C VAL A 59 11.26 -0.08 0.14
N LYS A 60 11.36 1.24 0.05
CA LYS A 60 11.35 1.94 -1.23
C LYS A 60 12.68 1.67 -1.93
N ILE A 61 12.64 1.32 -3.22
CA ILE A 61 13.86 0.91 -3.90
C ILE A 61 14.32 1.92 -4.96
N SER A 62 15.61 1.89 -5.25
CA SER A 62 16.21 2.62 -6.39
C SER A 62 16.35 4.13 -6.22
N ALA A 63 15.24 4.81 -5.95
CA ALA A 63 15.25 6.26 -5.77
C ALA A 63 14.04 6.66 -4.93
N PRO A 64 14.19 7.70 -4.10
CA PRO A 64 13.07 8.25 -3.31
C PRO A 64 12.21 9.18 -4.20
N ASN A 65 11.46 8.55 -5.11
CA ASN A 65 10.74 9.27 -6.15
C ASN A 65 9.24 9.00 -6.14
N GLU A 66 8.76 8.32 -5.10
CA GLU A 66 7.33 8.09 -4.93
C GLU A 66 6.96 8.01 -3.45
N PHE A 67 6.10 8.92 -3.00
CA PHE A 67 5.72 9.04 -1.59
C PHE A 67 4.23 8.87 -1.45
N ASP A 68 3.81 8.18 -0.40
CA ASP A 68 2.38 7.97 -0.14
C ASP A 68 2.00 8.59 1.20
N VAL A 69 0.91 9.36 1.19
CA VAL A 69 0.47 9.99 2.43
C VAL A 69 -1.05 10.00 2.51
N MET A 70 -1.59 9.60 3.66
CA MET A 70 -3.04 9.64 3.90
C MET A 70 -3.46 10.89 4.66
N PHE A 71 -4.53 11.52 4.20
CA PHE A 71 -5.20 12.56 4.98
C PHE A 71 -6.43 11.85 5.55
N LYS A 72 -6.37 11.49 6.83
CA LYS A 72 -7.43 10.69 7.43
C LYS A 72 -8.43 11.56 8.16
N LEU A 73 -9.71 11.26 7.97
CA LEU A 73 -10.79 12.01 8.57
C LEU A 73 -11.55 11.07 9.51
N GLU A 74 -11.55 11.39 10.80
CA GLU A 74 -12.27 10.58 11.76
C GLU A 74 -13.76 10.81 11.61
N VAL A 75 -14.50 9.74 11.36
CA VAL A 75 -15.91 9.83 11.07
C VAL A 75 -16.69 8.94 12.04
N PRO A 76 -17.19 9.54 13.12
CA PRO A 76 -17.79 8.72 14.19
C PRO A 76 -19.11 8.12 13.74
N ARG A 77 -19.46 6.98 14.33
CA ARG A 77 -20.78 6.39 14.15
C ARG A 77 -21.09 6.05 12.70
N ILE A 78 -20.10 5.55 11.96
CA ILE A 78 -20.42 5.09 10.61
C ILE A 78 -20.83 3.63 10.61
N GLU A 79 -21.68 3.29 9.64
CA GLU A 79 -22.17 1.94 9.51
C GLU A 79 -21.70 1.40 8.18
N LEU A 80 -21.19 0.18 8.20
CA LEU A 80 -20.61 -0.41 7.01
C LEU A 80 -21.51 -1.51 6.50
N GLN A 81 -21.74 -1.50 5.20
CA GLN A 81 -22.44 -2.62 4.58
C GLN A 81 -21.50 -3.20 3.55
N GLU A 82 -21.23 -4.49 3.69
CA GLU A 82 -20.29 -5.15 2.81
C GLU A 82 -20.86 -5.17 1.40
N TYR A 83 -20.03 -4.76 0.44
CA TYR A 83 -20.41 -4.75 -0.96
C TYR A 83 -20.33 -6.18 -1.48
N TYR A 84 -21.49 -6.74 -1.80
CA TYR A 84 -21.58 -8.15 -2.15
C TYR A 84 -20.86 -9.04 -1.13
N GLU A 85 -19.91 -9.87 -1.53
CA GLU A 85 -19.30 -10.70 -0.49
C GLU A 85 -17.80 -10.57 -0.64
N THR A 86 -17.39 -9.36 -1.04
CA THR A 86 -16.04 -9.06 -1.44
C THR A 86 -15.08 -9.09 -0.25
N GLY A 87 -15.58 -8.67 0.91
CA GLY A 87 -14.79 -8.59 2.13
C GLY A 87 -14.00 -7.29 2.24
N ALA A 88 -13.58 -6.76 1.10
CA ALA A 88 -12.71 -5.56 1.07
C ALA A 88 -13.50 -4.28 0.84
N PHE A 89 -14.64 -4.40 0.18
CA PHE A 89 -15.36 -3.23 -0.31
C PHE A 89 -16.67 -3.00 0.46
N TYR A 90 -17.00 -1.73 0.67
CA TYR A 90 -18.11 -1.39 1.56
C TYR A 90 -18.90 -0.20 1.06
N LEU A 91 -20.19 -0.19 1.40
CA LEU A 91 -20.97 1.04 1.36
C LEU A 91 -20.98 1.62 2.76
N VAL A 92 -20.80 2.94 2.85
CA VAL A 92 -20.78 3.63 4.14
C VAL A 92 -22.08 4.41 4.36
N LYS A 93 -22.75 4.15 5.49
CA LYS A 93 -23.93 4.90 5.86
C LYS A 93 -23.76 5.37 7.31
N PHE A 94 -24.75 6.09 7.82
CA PHE A 94 -24.62 6.70 9.14
C PHE A 94 -25.73 6.35 10.11
N LYS A 95 -25.42 6.49 11.39
CA LYS A 95 -26.43 6.44 12.42
C LYS A 95 -27.09 7.81 12.52
N GLY A 100 -26.62 18.08 10.85
CA GLY A 100 -26.23 19.07 9.85
C GLY A 100 -24.72 19.02 9.65
N ASN A 101 -24.23 17.81 9.36
CA ASN A 101 -22.80 17.51 9.25
C ASN A 101 -22.21 17.96 7.91
N PRO A 102 -20.87 18.08 7.82
CA PRO A 102 -20.24 18.61 6.60
C PRO A 102 -20.28 17.64 5.42
N LEU A 103 -20.25 16.34 5.71
CA LEU A 103 -20.19 15.33 4.65
C LEU A 103 -21.55 15.08 3.99
N SER A 104 -22.59 15.75 4.48
CA SER A 104 -23.93 15.62 3.94
C SER A 104 -23.99 15.93 2.44
N HIS A 105 -23.07 16.77 1.98
CA HIS A 105 -22.95 17.13 0.56
C HIS A 105 -22.62 15.91 -0.29
N PHE A 106 -22.01 14.92 0.35
CA PHE A 106 -21.47 13.75 -0.35
C PHE A 106 -22.44 12.57 -0.25
N LEU A 107 -23.60 12.81 0.33
CA LEU A 107 -24.59 11.76 0.46
C LEU A 107 -25.22 11.46 -0.89
N GLU A 108 -25.77 10.26 -1.00
CA GLU A 108 -26.47 9.81 -2.18
C GLU A 108 -27.48 8.83 -1.64
N GLY A 109 -28.60 9.35 -1.17
CA GLY A 109 -29.47 8.59 -0.31
C GLY A 109 -28.89 8.65 1.09
N GLU A 110 -28.74 7.49 1.72
CA GLU A 110 -28.13 7.42 3.04
C GLU A 110 -26.66 7.08 2.88
N VAL A 111 -26.27 6.86 1.64
CA VAL A 111 -24.94 6.36 1.28
C VAL A 111 -23.92 7.50 1.12
N LEU A 112 -22.81 7.40 1.82
CA LEU A 112 -21.72 8.34 1.66
C LEU A 112 -20.91 7.96 0.43
N SER A 113 -21.13 8.68 -0.67
CA SER A 113 -20.44 8.38 -1.92
C SER A 113 -18.93 8.65 -1.90
N ALA A 114 -18.14 7.60 -2.10
CA ALA A 114 -16.69 7.77 -2.24
C ALA A 114 -16.35 8.76 -3.36
N THR A 115 -17.05 8.65 -4.49
CA THR A 115 -16.75 9.48 -5.65
C THR A 115 -17.02 10.95 -5.41
N LYS A 116 -18.17 11.26 -4.82
CA LYS A 116 -18.50 12.65 -4.54
C LYS A 116 -17.50 13.27 -3.58
N MET A 117 -17.17 12.53 -2.53
CA MET A 117 -16.25 13.03 -1.52
C MET A 117 -14.83 13.19 -2.06
N LEU A 118 -14.38 12.19 -2.83
CA LEU A 118 -13.06 12.25 -3.44
C LEU A 118 -12.97 13.40 -4.45
N SER A 119 -14.06 13.62 -5.19
CA SER A 119 -14.06 14.66 -6.22
C SER A 119 -13.86 16.06 -5.62
N LYS A 120 -14.51 16.30 -4.48
CA LYS A 120 -14.35 17.57 -3.78
C LYS A 120 -12.94 17.67 -3.20
N PHE A 121 -12.48 16.58 -2.59
CA PHE A 121 -11.12 16.50 -2.03
C PHE A 121 -10.10 16.83 -3.10
N ARG A 122 -10.28 16.24 -4.28
CA ARG A 122 -9.40 16.47 -5.43
C ARG A 122 -9.48 17.92 -5.90
N LYS A 123 -10.69 18.46 -5.89
CA LYS A 123 -10.91 19.83 -6.33
C LYS A 123 -10.10 20.81 -5.49
N ILE A 124 -10.14 20.61 -4.17
CA ILE A 124 -9.46 21.47 -3.21
C ILE A 124 -7.94 21.38 -3.35
N ILE A 125 -7.43 20.15 -3.49
CA ILE A 125 -6.00 19.92 -3.68
C ILE A 125 -5.52 20.69 -4.90
N LYS A 126 -6.26 20.57 -6.01
CA LYS A 126 -5.90 21.25 -7.25
C LYS A 126 -5.87 22.76 -7.08
N GLU A 127 -6.87 23.30 -6.40
CA GLU A 127 -6.90 24.72 -6.13
C GLU A 127 -5.68 25.14 -5.32
N GLU A 128 -5.34 24.37 -4.30
CA GLU A 128 -4.17 24.70 -3.49
C GLU A 128 -2.88 24.55 -4.28
N VAL A 129 -2.76 23.47 -5.07
CA VAL A 129 -1.59 23.24 -5.89
C VAL A 129 -1.33 24.43 -6.85
N LYS A 130 -2.42 25.01 -7.34
CA LYS A 130 -2.36 26.18 -8.21
C LYS A 130 -1.74 27.38 -7.50
N GLU A 131 -1.86 27.40 -6.18
CA GLU A 131 -1.37 28.53 -5.37
C GLU A 131 0.12 28.41 -5.06
N ILE A 132 0.68 27.25 -5.33
CA ILE A 132 2.09 26.99 -5.05
C ILE A 132 2.93 27.54 -6.19
N LYS A 133 3.78 28.53 -5.89
CA LYS A 133 4.53 29.26 -6.89
C LYS A 133 6.02 28.97 -6.89
N ASP A 134 6.51 28.45 -5.77
CA ASP A 134 7.95 28.29 -5.55
C ASP A 134 8.42 26.89 -5.90
N ILE A 135 7.47 25.99 -6.13
CA ILE A 135 7.77 24.60 -6.44
C ILE A 135 7.01 24.19 -7.69
N ASP A 136 7.66 23.39 -8.55
CA ASP A 136 7.04 22.88 -9.76
C ASP A 136 6.24 21.64 -9.37
N VAL A 137 4.94 21.81 -9.16
CA VAL A 137 4.08 20.69 -8.80
C VAL A 137 2.77 20.80 -9.58
N SER A 138 2.30 19.67 -10.09
CA SER A 138 1.05 19.63 -10.81
C SER A 138 0.31 18.40 -10.33
N VAL A 139 -1.00 18.33 -10.55
CA VAL A 139 -1.68 17.09 -10.23
C VAL A 139 -1.95 16.29 -11.49
N GLU A 140 -1.64 15.00 -11.39
CA GLU A 140 -1.82 14.04 -12.46
C GLU A 140 -3.29 13.92 -12.81
N LYS A 141 -3.55 13.64 -14.08
CA LYS A 141 -4.88 13.32 -14.55
C LYS A 141 -5.45 12.19 -13.71
N GLU A 142 -6.74 12.30 -13.42
CA GLU A 142 -7.48 11.32 -12.61
C GLU A 142 -7.35 9.93 -13.21
N LYS A 143 -7.18 8.93 -12.36
CA LYS A 143 -7.34 7.55 -12.79
C LYS A 143 -8.64 6.98 -12.22
N PRO A 144 -9.55 6.59 -13.12
CA PRO A 144 -10.84 6.05 -12.68
C PRO A 144 -10.67 4.91 -11.67
N GLY A 145 -11.41 5.01 -10.56
CA GLY A 145 -11.40 3.96 -9.55
C GLY A 145 -10.34 4.13 -8.48
N SER A 146 -9.31 4.93 -8.76
CA SER A 146 -8.22 5.12 -7.79
C SER A 146 -8.61 6.03 -6.64
N PRO A 147 -8.11 5.76 -5.43
CA PRO A 147 -8.40 6.64 -4.29
C PRO A 147 -7.41 7.81 -4.19
N ALA A 148 -6.42 7.86 -5.08
CA ALA A 148 -5.30 8.80 -4.95
C ALA A 148 -5.51 10.11 -5.70
N VAL A 149 -5.06 11.22 -5.11
CA VAL A 149 -4.84 12.42 -5.89
C VAL A 149 -3.33 12.50 -6.01
N THR A 150 -2.82 12.37 -7.23
CA THR A 150 -1.38 12.18 -7.40
C THR A 150 -0.73 13.49 -7.85
N LEU A 151 0.27 13.92 -7.09
CA LEU A 151 1.03 15.12 -7.42
C LEU A 151 2.26 14.71 -8.19
N LEU A 152 2.68 15.58 -9.10
CA LEU A 152 3.90 15.39 -9.84
C LEU A 152 4.82 16.54 -9.52
N ILE A 153 5.90 16.27 -8.79
CA ILE A 153 6.84 17.31 -8.39
C ILE A 153 8.10 17.25 -9.24
N ARG A 154 8.54 18.41 -9.75
CA ARG A 154 9.84 18.48 -10.40
C ARG A 154 10.82 19.28 -9.56
N ASN A 155 11.78 18.55 -9.02
CA ASN A 155 12.62 19.00 -7.92
C ASN A 155 14.05 19.50 -8.21
N PRO A 156 14.54 19.45 -9.47
CA PRO A 156 14.04 19.22 -10.82
C PRO A 156 13.74 17.77 -11.14
N GLU A 157 14.24 16.83 -10.33
CA GLU A 157 13.96 15.42 -10.57
C GLU A 157 12.50 15.08 -10.25
N GLU A 158 11.97 14.08 -10.95
CA GLU A 158 10.55 13.78 -10.88
C GLU A 158 10.27 13.03 -9.60
N ILE A 159 9.30 13.51 -8.83
CA ILE A 159 8.84 12.82 -7.63
C ILE A 159 7.31 12.79 -7.68
N SER A 160 6.71 11.62 -7.46
CA SER A 160 5.26 11.61 -7.40
C SER A 160 4.80 11.38 -5.96
N VAL A 161 3.70 12.03 -5.59
CA VAL A 161 3.16 11.95 -4.25
C VAL A 161 1.67 11.60 -4.37
N ASP A 162 1.27 10.46 -3.80
CA ASP A 162 -0.14 10.12 -3.75
C ASP A 162 -0.76 10.64 -2.45
N ILE A 163 -1.70 11.57 -2.56
CA ILE A 163 -2.45 12.00 -1.39
C ILE A 163 -3.71 11.17 -1.35
N ILE A 164 -3.90 10.42 -0.26
CA ILE A 164 -5.00 9.48 -0.15
C ILE A 164 -5.97 9.92 0.94
N LEU A 165 -7.18 10.28 0.54
CA LEU A 165 -8.22 10.57 1.50
C LEU A 165 -8.58 9.25 2.19
N ALA A 166 -8.77 9.28 3.50
CA ALA A 166 -9.27 8.08 4.19
C ALA A 166 -10.26 8.44 5.29
N LEU A 167 -11.23 7.56 5.51
CA LEU A 167 -12.10 7.64 6.66
C LEU A 167 -11.46 6.81 7.76
N GLU A 168 -11.44 7.31 8.98
CA GLU A 168 -10.89 6.57 10.10
C GLU A 168 -12.03 6.16 11.02
N SER A 169 -12.15 4.87 11.28
CA SER A 169 -13.16 4.41 12.21
C SER A 169 -12.54 3.70 13.41
N LYS A 170 -13.01 4.04 14.60
CA LYS A 170 -12.42 3.57 15.85
C LYS A 170 -13.07 2.27 16.35
N GLY A 171 -14.12 1.84 15.67
CA GLY A 171 -14.85 0.66 16.10
C GLY A 171 -14.07 -0.62 15.82
N SER A 172 -14.66 -1.76 16.19
CA SER A 172 -14.03 -3.05 15.89
C SER A 172 -13.98 -3.25 14.38
N TRP A 173 -12.99 -3.99 13.90
CA TRP A 173 -12.76 -4.13 12.47
C TRP A 173 -13.89 -4.97 11.87
N PRO A 174 -14.21 -4.75 10.57
CA PRO A 174 -15.27 -5.53 9.93
C PRO A 174 -15.00 -7.03 10.04
N ILE A 175 -16.05 -7.84 10.13
CA ILE A 175 -15.88 -9.27 10.43
C ILE A 175 -15.13 -10.05 9.35
N SER A 176 -15.12 -9.53 8.13
CA SER A 176 -14.32 -10.17 7.09
C SER A 176 -12.83 -10.22 7.48
N THR A 177 -12.41 -9.45 8.49
CA THR A 177 -11.02 -9.44 8.92
C THR A 177 -10.75 -10.34 10.12
N LYS A 178 -11.80 -10.97 10.63
CA LYS A 178 -11.74 -11.68 11.90
C LYS A 178 -10.66 -12.77 11.95
N GLU A 179 -10.52 -13.50 10.84
CA GLU A 179 -9.50 -14.53 10.76
C GLU A 179 -8.30 -14.12 9.92
N GLY A 180 -8.13 -12.82 9.72
CA GLY A 180 -6.98 -12.28 9.02
C GLY A 180 -5.85 -11.94 10.00
N LEU A 181 -4.78 -11.32 9.51
CA LEU A 181 -3.62 -10.99 10.35
C LEU A 181 -3.18 -12.21 11.17
N PRO A 182 -2.79 -13.30 10.50
CA PRO A 182 -2.46 -14.56 11.19
C PRO A 182 -1.03 -14.54 11.78
N ILE A 183 -0.77 -13.60 12.68
CA ILE A 183 0.58 -13.39 13.21
C ILE A 183 0.81 -14.06 14.59
N GLN A 184 -0.14 -14.88 15.03
CA GLN A 184 -0.10 -15.41 16.41
C GLN A 184 1.18 -16.18 16.78
N GLY A 185 1.75 -16.90 15.82
CA GLY A 185 2.96 -17.68 16.10
C GLY A 185 4.24 -16.93 15.71
N TRP A 186 4.09 -15.68 15.32
CA TRP A 186 5.20 -14.89 14.79
C TRP A 186 5.36 -13.65 15.67
N LEU A 187 4.38 -12.74 15.57
CA LEU A 187 4.41 -11.51 16.36
C LEU A 187 3.64 -11.68 17.66
N GLY A 188 2.72 -12.63 17.66
CA GLY A 188 2.06 -13.05 18.88
C GLY A 188 0.65 -12.53 19.06
N THR A 189 -0.02 -13.05 20.07
CA THR A 189 -1.39 -12.68 20.41
C THR A 189 -1.58 -11.28 20.98
N LYS A 190 -0.70 -10.85 21.89
CA LYS A 190 -0.81 -9.49 22.41
C LYS A 190 -0.68 -8.46 21.28
N VAL A 191 0.31 -8.64 20.42
CA VAL A 191 0.49 -7.75 19.27
C VAL A 191 -0.77 -7.76 18.39
N ARG A 192 -1.28 -8.95 18.07
CA ARG A 192 -2.44 -9.01 17.17
C ARG A 192 -3.64 -8.28 17.77
N THR A 193 -3.91 -8.55 19.04
CA THR A 193 -5.03 -7.95 19.76
C THR A 193 -4.86 -6.43 19.84
N ASN A 194 -3.66 -5.97 20.16
CA ASN A 194 -3.39 -4.54 20.22
C ASN A 194 -3.55 -3.83 18.87
N LEU A 195 -3.03 -4.45 17.82
CA LEU A 195 -3.20 -3.91 16.47
C LEU A 195 -4.68 -3.81 16.10
N ARG A 196 -5.45 -4.81 16.48
CA ARG A 196 -6.88 -4.82 16.11
C ARG A 196 -7.76 -3.89 16.95
N ARG A 197 -7.19 -3.37 18.03
CA ARG A 197 -7.84 -2.32 18.83
C ARG A 197 -7.56 -0.92 18.27
N GLU A 198 -6.63 -0.82 17.32
CA GLU A 198 -6.38 0.45 16.64
C GLU A 198 -7.50 0.72 15.63
N PRO A 199 -7.63 1.98 15.16
CA PRO A 199 -8.64 2.33 14.15
C PRO A 199 -8.44 1.52 12.86
N PHE A 200 -9.48 1.40 12.05
CA PHE A 200 -9.29 0.90 10.70
C PHE A 200 -9.67 2.01 9.72
N TYR A 201 -9.28 1.86 8.45
CA TYR A 201 -9.43 2.95 7.49
C TYR A 201 -10.17 2.49 6.25
N LEU A 202 -10.84 3.44 5.60
CA LEU A 202 -11.48 3.19 4.34
C LEU A 202 -10.99 4.24 3.38
N VAL A 203 -10.62 3.82 2.17
CA VAL A 203 -10.18 4.75 1.15
C VAL A 203 -11.13 4.70 -0.03
N PRO A 204 -11.31 5.83 -0.72
CA PRO A 204 -12.30 5.91 -1.80
C PRO A 204 -11.80 5.23 -3.06
N LYS A 205 -11.40 3.96 -2.93
CA LYS A 205 -11.08 3.14 -4.09
C LYS A 205 -12.33 2.35 -4.39
N ASN A 206 -12.90 2.54 -5.59
CA ASN A 206 -14.14 1.86 -5.97
C ASN A 206 -13.94 0.41 -6.40
N ALA A 207 -14.89 -0.45 -6.02
CA ALA A 207 -14.94 -1.82 -6.52
C ALA A 207 -15.24 -1.81 -8.02
N LYS A 208 -14.47 -2.59 -8.78
CA LYS A 208 -14.75 -2.75 -10.20
C LYS A 208 -15.82 -3.83 -10.34
N ASP A 209 -16.98 -3.43 -10.86
CA ASP A 209 -18.08 -4.37 -11.00
C ASP A 209 -18.46 -4.55 -12.46
N GLY A 210 -17.83 -5.53 -13.11
CA GLY A 210 -18.05 -5.77 -14.52
C GLY A 210 -17.24 -4.80 -15.35
N ASN A 211 -17.93 -3.99 -16.16
CA ASN A 211 -17.27 -3.03 -17.05
C ASN A 211 -17.02 -1.66 -16.44
N SER A 212 -17.63 -1.38 -15.29
CA SER A 212 -17.51 -0.08 -14.66
C SER A 212 -17.19 -0.21 -13.18
N PHE A 213 -16.93 0.93 -12.55
CA PHE A 213 -16.75 0.97 -11.10
C PHE A 213 -18.07 1.30 -10.41
N GLN A 214 -18.25 0.79 -9.20
CA GLN A 214 -19.34 1.25 -8.37
C GLN A 214 -18.81 2.46 -7.60
N GLY A 215 -19.24 3.65 -8.04
CA GLY A 215 -18.66 4.89 -7.59
C GLY A 215 -18.81 5.21 -6.11
N GLU A 216 -19.75 4.56 -5.45
CA GLU A 216 -20.03 4.83 -4.05
C GLU A 216 -19.16 4.01 -3.07
N THR A 217 -18.54 2.94 -3.58
CA THR A 217 -17.84 2.00 -2.71
C THR A 217 -16.50 2.50 -2.19
N TRP A 218 -16.17 2.05 -0.98
CA TRP A 218 -14.89 2.30 -0.34
C TRP A 218 -14.19 0.97 -0.13
N ARG A 219 -12.87 1.00 0.07
CA ARG A 219 -12.11 -0.21 0.34
C ARG A 219 -11.36 -0.09 1.66
N LEU A 220 -11.28 -1.20 2.39
CA LEU A 220 -10.52 -1.22 3.63
C LEU A 220 -9.04 -0.97 3.35
N SER A 221 -8.40 -0.23 4.26
CA SER A 221 -6.95 0.02 4.21
C SER A 221 -6.37 -0.30 5.57
N PHE A 222 -5.24 -0.99 5.57
CA PHE A 222 -4.54 -1.30 6.81
C PHE A 222 -3.10 -0.78 6.73
N SER A 223 -2.91 0.31 5.98
CA SER A 223 -1.58 0.92 5.82
C SER A 223 -0.85 1.20 7.14
N HIS A 224 -1.60 1.61 8.15
CA HIS A 224 -1.01 1.91 9.45
C HIS A 224 -0.50 0.63 10.13
N THR A 225 -1.29 -0.44 10.06
CA THR A 225 -0.91 -1.73 10.61
C THR A 225 0.28 -2.29 9.87
N GLU A 226 0.27 -2.15 8.54
CA GLU A 226 1.36 -2.68 7.73
C GLU A 226 2.68 -1.98 8.06
N LYS A 227 2.61 -0.67 8.24
CA LYS A 227 3.77 0.11 8.62
C LYS A 227 4.35 -0.36 9.95
N TYR A 228 3.48 -0.59 10.93
CA TYR A 228 3.90 -1.14 12.23
C TYR A 228 4.59 -2.47 12.05
N ILE A 229 3.98 -3.35 11.25
CA ILE A 229 4.54 -4.68 11.03
C ILE A 229 5.95 -4.60 10.42
N LEU A 230 6.13 -3.72 9.44
CA LEU A 230 7.43 -3.62 8.80
C LEU A 230 8.48 -3.14 9.81
N ASN A 231 8.06 -2.29 10.75
CA ASN A 231 8.98 -1.72 11.74
C ASN A 231 9.16 -2.66 12.95
N ASN A 232 8.32 -3.69 13.02
CA ASN A 232 8.31 -4.61 14.17
C ASN A 232 8.11 -6.04 13.69
N HIS A 233 9.06 -6.54 12.91
CA HIS A 233 8.81 -7.70 12.06
C HIS A 233 9.48 -8.99 12.53
N GLY A 234 10.19 -8.96 13.65
CA GLY A 234 10.89 -10.15 14.11
C GLY A 234 10.10 -10.89 15.18
N ILE A 235 10.36 -12.18 15.34
CA ILE A 235 9.75 -12.86 16.49
C ILE A 235 10.48 -12.40 17.76
N GLU A 236 11.77 -12.08 17.65
CA GLU A 236 12.49 -11.44 18.75
C GLU A 236 12.30 -9.93 18.72
N LYS A 237 12.16 -9.37 19.91
CA LYS A 237 11.93 -7.93 20.06
C LYS A 237 13.12 -7.09 19.58
N THR A 238 14.30 -7.69 19.58
CA THR A 238 15.52 -6.96 19.18
C THR A 238 15.89 -7.11 17.72
N CYS A 239 15.05 -7.82 16.96
CA CYS A 239 15.29 -8.00 15.53
C CYS A 239 15.58 -6.68 14.83
N CYS A 240 16.72 -6.62 14.18
CA CYS A 240 17.17 -5.39 13.49
C CYS A 240 17.42 -4.15 14.38
N GLU A 241 17.38 -4.31 15.71
CA GLU A 241 17.72 -3.22 16.62
C GLU A 241 19.22 -3.15 16.89
N SER A 242 19.66 -2.07 17.54
CA SER A 242 21.10 -1.88 17.75
C SER A 242 21.73 -2.92 18.71
N SER A 243 20.92 -3.56 19.55
CA SER A 243 21.45 -4.61 20.45
C SER A 243 20.83 -5.96 20.11
N GLY A 244 20.48 -6.14 18.84
CA GLY A 244 19.93 -7.39 18.34
C GLY A 244 20.57 -7.78 17.03
N ALA A 245 20.02 -8.82 16.37
CA ALA A 245 20.61 -9.29 15.12
C ALA A 245 19.84 -8.78 13.91
N LYS A 246 20.58 -8.42 12.88
CA LYS A 246 20.00 -8.04 11.60
C LYS A 246 19.35 -9.24 10.91
N CYS A 247 18.15 -9.08 10.36
CA CYS A 247 17.58 -10.12 9.50
C CYS A 247 17.55 -9.65 8.06
N CYS A 248 17.15 -10.52 7.13
CA CYS A 248 17.05 -10.13 5.72
C CYS A 248 15.61 -10.04 5.19
N ARG A 249 14.64 -9.95 6.09
CA ARG A 249 13.23 -9.81 5.68
C ARG A 249 12.97 -8.68 4.69
N LYS A 250 13.39 -7.47 5.05
CA LYS A 250 13.15 -6.32 4.19
C LYS A 250 13.94 -6.38 2.89
N GLU A 251 15.15 -6.94 2.97
CA GLU A 251 15.98 -7.11 1.78
C GLU A 251 15.32 -8.03 0.76
N CYS A 252 14.66 -9.09 1.25
CA CYS A 252 13.96 -10.00 0.36
C CYS A 252 12.79 -9.31 -0.29
N LEU A 253 12.08 -8.51 0.49
CA LEU A 253 10.97 -7.74 -0.05
C LEU A 253 11.48 -6.80 -1.14
N LYS A 254 12.59 -6.10 -0.89
CA LYS A 254 13.12 -5.17 -1.91
C LYS A 254 13.43 -5.88 -3.23
N LEU A 255 14.06 -7.04 -3.14
CA LEU A 255 14.47 -7.78 -4.33
C LEU A 255 13.29 -8.24 -5.15
N MET A 256 12.26 -8.74 -4.45
CA MET A 256 11.06 -9.20 -5.13
C MET A 256 10.33 -8.03 -5.80
N LYS A 257 10.29 -6.88 -5.12
CA LYS A 257 9.69 -5.68 -5.68
C LYS A 257 10.44 -5.23 -6.92
N TYR A 258 11.77 -5.32 -6.84
CA TYR A 258 12.62 -4.90 -7.97
C TYR A 258 12.39 -5.80 -9.18
N LEU A 259 12.38 -7.10 -8.94
CA LEU A 259 12.10 -8.07 -9.99
C LEU A 259 10.80 -7.75 -10.71
N LEU A 260 9.76 -7.45 -9.94
CA LEU A 260 8.46 -7.13 -10.52
C LEU A 260 8.47 -5.79 -11.23
N GLU A 261 9.10 -4.78 -10.62
CA GLU A 261 9.22 -3.47 -11.26
C GLU A 261 9.88 -3.58 -12.63
N GLN A 262 10.97 -4.35 -12.67
CA GLN A 262 11.75 -4.49 -13.90
C GLN A 262 10.95 -5.22 -14.98
N LEU A 263 10.24 -6.26 -14.56
CA LEU A 263 9.40 -7.02 -15.48
C LEU A 263 8.22 -6.20 -16.00
N LYS A 264 7.60 -5.43 -15.11
CA LYS A 264 6.48 -4.55 -15.49
C LYS A 264 6.95 -3.46 -16.45
N LYS A 265 8.19 -3.03 -16.29
CA LYS A 265 8.74 -1.99 -17.17
C LYS A 265 8.86 -2.40 -18.62
N GLU A 266 9.04 -3.70 -18.88
CA GLU A 266 9.21 -4.10 -20.26
C GLU A 266 8.06 -4.93 -20.83
N PHE A 267 7.15 -5.38 -19.98
CA PHE A 267 5.98 -6.09 -20.48
C PHE A 267 4.67 -5.46 -20.02
N GLN A 268 3.96 -4.88 -20.98
CA GLN A 268 2.68 -4.25 -20.74
C GLN A 268 1.61 -5.25 -20.30
N GLU A 269 1.80 -6.52 -20.63
CA GLU A 269 0.88 -7.57 -20.19
C GLU A 269 0.94 -7.84 -18.69
N LEU A 270 1.81 -7.12 -17.99
CA LEU A 270 1.90 -7.26 -16.55
C LEU A 270 1.30 -6.06 -15.83
N ASP A 271 0.48 -5.30 -16.55
CA ASP A 271 -0.14 -4.11 -16.00
C ASP A 271 -1.04 -4.37 -14.79
N ALA A 272 -1.62 -5.55 -14.72
CA ALA A 272 -2.51 -5.89 -13.62
C ALA A 272 -1.79 -6.20 -12.31
N PHE A 273 -0.47 -6.43 -12.38
CA PHE A 273 0.29 -6.75 -11.18
C PHE A 273 0.86 -5.50 -10.50
N CYS A 274 1.01 -5.57 -9.18
CA CYS A 274 1.47 -4.40 -8.44
C CYS A 274 2.30 -4.83 -7.25
N SER A 275 2.98 -3.88 -6.63
CA SER A 275 3.84 -4.19 -5.49
C SER A 275 3.06 -4.74 -4.31
N TYR A 276 1.79 -4.37 -4.18
CA TYR A 276 1.00 -4.88 -3.04
C TYR A 276 0.85 -6.40 -3.11
N HIS A 277 0.87 -6.94 -4.32
CA HIS A 277 0.87 -8.39 -4.49
C HIS A 277 2.09 -9.02 -3.86
N VAL A 278 3.25 -8.41 -4.10
CA VAL A 278 4.51 -8.85 -3.53
C VAL A 278 4.53 -8.68 -2.01
N LYS A 279 4.07 -7.52 -1.54
CA LYS A 279 4.00 -7.27 -0.10
C LYS A 279 3.08 -8.28 0.61
N THR A 280 1.93 -8.56 -0.01
CA THR A 280 1.00 -9.57 0.52
C THR A 280 1.63 -10.96 0.57
N ALA A 281 2.32 -11.32 -0.52
CA ALA A 281 3.03 -12.60 -0.56
C ALA A 281 4.05 -12.73 0.58
N ILE A 282 4.85 -11.68 0.80
CA ILE A 282 5.89 -11.81 1.81
C ILE A 282 5.31 -11.78 3.23
N PHE A 283 4.17 -11.12 3.43
CA PHE A 283 3.47 -11.21 4.72
C PHE A 283 3.16 -12.68 5.03
N HIS A 284 2.63 -13.37 4.02
CA HIS A 284 2.35 -14.80 4.18
C HIS A 284 3.60 -15.60 4.47
N MET A 285 4.71 -15.21 3.84
CA MET A 285 5.96 -15.95 4.03
C MET A 285 6.50 -15.76 5.45
N TRP A 286 6.35 -14.55 5.96
CA TRP A 286 6.79 -14.21 7.31
C TRP A 286 5.95 -14.95 8.37
N THR A 287 4.71 -15.27 8.02
CA THR A 287 3.86 -16.12 8.86
C THR A 287 4.30 -17.58 8.81
N GLN A 288 4.61 -18.04 7.60
CA GLN A 288 5.00 -19.43 7.39
C GLN A 288 6.36 -19.72 8.01
N ASP A 289 7.27 -18.75 7.93
CA ASP A 289 8.62 -18.87 8.49
C ASP A 289 8.82 -17.76 9.52
N PRO A 290 8.29 -17.95 10.75
CA PRO A 290 8.32 -16.90 11.78
C PRO A 290 9.67 -16.69 12.46
N GLN A 291 10.54 -17.70 12.45
CA GLN A 291 11.77 -17.61 13.24
C GLN A 291 12.74 -16.63 12.60
N ASP A 292 13.35 -15.77 13.41
CA ASP A 292 14.32 -14.81 12.86
C ASP A 292 15.48 -15.56 12.24
N SER A 293 15.73 -16.76 12.76
CA SER A 293 16.85 -17.57 12.29
C SER A 293 16.63 -18.01 10.85
N GLN A 294 15.38 -17.95 10.41
CA GLN A 294 15.05 -18.34 9.03
C GLN A 294 15.30 -17.18 8.07
N TRP A 295 15.58 -16.02 8.64
CA TRP A 295 15.82 -14.81 7.85
C TRP A 295 17.19 -14.21 8.17
N ASP A 296 18.15 -15.08 8.48
CA ASP A 296 19.53 -14.64 8.70
C ASP A 296 20.10 -14.08 7.40
N PRO A 297 20.82 -12.94 7.49
CA PRO A 297 21.40 -12.35 6.27
C PRO A 297 22.26 -13.35 5.52
N ARG A 298 22.85 -14.32 6.22
CA ARG A 298 23.69 -15.33 5.57
C ARG A 298 22.90 -16.17 4.59
N ASN A 299 21.58 -16.20 4.75
CA ASN A 299 20.72 -17.05 3.94
C ASN A 299 19.80 -16.27 3.00
N LEU A 300 20.21 -15.05 2.66
CA LEU A 300 19.46 -14.18 1.75
C LEU A 300 19.04 -14.92 0.47
N SER A 301 19.99 -15.58 -0.20
CA SER A 301 19.72 -16.24 -1.48
C SER A 301 18.60 -17.26 -1.37
N SER A 302 18.64 -18.01 -0.28
CA SER A 302 17.65 -19.04 -0.01
C SER A 302 16.29 -18.45 0.37
N CYS A 303 16.29 -17.36 1.13
CA CYS A 303 15.03 -16.73 1.49
C CYS A 303 14.36 -16.11 0.27
N PHE A 304 15.17 -15.49 -0.57
CA PHE A 304 14.66 -14.91 -1.81
C PHE A 304 14.07 -16.02 -2.68
N ASP A 305 14.79 -17.13 -2.76
CA ASP A 305 14.30 -18.24 -3.57
C ASP A 305 12.97 -18.80 -3.08
N LYS A 306 12.83 -19.00 -1.77
CA LYS A 306 11.59 -19.48 -1.16
C LYS A 306 10.43 -18.53 -1.41
N LEU A 307 10.71 -17.24 -1.34
CA LEU A 307 9.69 -16.24 -1.63
C LEU A 307 9.25 -16.32 -3.09
N LEU A 308 10.21 -16.49 -3.99
CA LEU A 308 9.92 -16.67 -5.42
C LEU A 308 9.06 -17.92 -5.67
N ALA A 309 9.41 -19.01 -4.98
CA ALA A 309 8.67 -20.25 -5.12
C ALA A 309 7.23 -20.08 -4.65
N PHE A 310 7.06 -19.44 -3.51
CA PHE A 310 5.71 -19.18 -2.99
C PHE A 310 4.93 -18.32 -3.97
N PHE A 311 5.56 -17.25 -4.45
CA PHE A 311 4.89 -16.35 -5.37
C PHE A 311 4.44 -17.08 -6.64
N LEU A 312 5.29 -17.96 -7.16
CA LEU A 312 4.97 -18.75 -8.34
C LEU A 312 3.83 -19.71 -8.09
N GLU A 313 3.76 -20.26 -6.88
CA GLU A 313 2.66 -21.17 -6.53
C GLU A 313 1.35 -20.40 -6.41
N CYS A 314 1.44 -19.18 -5.90
CA CYS A 314 0.27 -18.29 -5.83
C CYS A 314 -0.30 -18.05 -7.21
N LEU A 315 0.60 -17.78 -8.14
CA LEU A 315 0.25 -17.57 -9.54
C LEU A 315 -0.43 -18.79 -10.15
N ARG A 316 0.20 -19.95 -9.94
CA ARG A 316 -0.23 -21.20 -10.56
C ARG A 316 -1.61 -21.62 -10.05
N THR A 317 -1.81 -21.46 -8.75
CA THR A 317 -3.08 -21.83 -8.11
C THR A 317 -4.10 -20.70 -8.18
N GLU A 318 -3.71 -19.59 -8.78
CA GLU A 318 -4.58 -18.41 -8.91
C GLU A 318 -5.15 -18.00 -7.56
N LYS A 319 -4.30 -17.98 -6.55
CA LYS A 319 -4.73 -17.67 -5.20
C LYS A 319 -3.66 -16.91 -4.44
N LEU A 320 -4.02 -15.71 -4.02
CA LEU A 320 -3.18 -14.90 -3.14
C LEU A 320 -4.14 -14.15 -2.26
N ASP A 321 -4.40 -14.69 -1.08
CA ASP A 321 -5.38 -14.06 -0.21
C ASP A 321 -4.83 -12.82 0.43
N HIS A 322 -5.68 -11.79 0.48
CA HIS A 322 -5.34 -10.56 1.20
C HIS A 322 -4.95 -10.95 2.62
N TYR A 323 -3.91 -10.31 3.17
CA TYR A 323 -3.37 -10.72 4.46
C TYR A 323 -4.32 -10.43 5.64
N PHE A 324 -5.16 -9.41 5.46
CA PHE A 324 -6.07 -8.98 6.52
C PHE A 324 -7.50 -9.47 6.27
N ILE A 325 -7.77 -9.92 5.05
CA ILE A 325 -9.11 -10.27 4.62
C ILE A 325 -9.00 -11.55 3.82
N PRO A 326 -8.97 -12.69 4.51
CA PRO A 326 -8.60 -13.96 3.88
C PRO A 326 -9.48 -14.41 2.72
N LYS A 327 -10.76 -14.02 2.67
CA LYS A 327 -11.61 -14.47 1.57
C LYS A 327 -11.46 -13.59 0.33
N PHE A 328 -10.68 -12.51 0.45
CA PHE A 328 -10.45 -11.64 -0.70
C PHE A 328 -9.22 -12.13 -1.46
N ASN A 329 -9.43 -12.72 -2.63
CA ASN A 329 -8.35 -13.28 -3.42
C ASN A 329 -7.83 -12.26 -4.45
N LEU A 330 -6.62 -11.77 -4.22
CA LEU A 330 -6.01 -10.76 -5.10
C LEU A 330 -5.75 -11.30 -6.49
N PHE A 331 -5.65 -12.63 -6.57
CA PHE A 331 -5.33 -13.31 -7.83
C PHE A 331 -6.54 -14.04 -8.40
N SER A 332 -7.74 -13.58 -8.04
CA SER A 332 -8.96 -14.13 -8.62
C SER A 332 -8.99 -13.89 -10.12
N GLN A 333 -9.69 -14.77 -10.84
CA GLN A 333 -9.90 -14.60 -12.26
C GLN A 333 -10.63 -13.28 -12.55
N GLU A 334 -11.54 -12.89 -11.66
CA GLU A 334 -12.25 -11.62 -11.81
C GLU A 334 -11.27 -10.43 -11.83
N LEU A 335 -10.19 -10.53 -11.06
CA LEU A 335 -9.23 -9.43 -10.98
C LEU A 335 -8.11 -9.54 -11.99
N ILE A 336 -7.59 -10.74 -12.18
CA ILE A 336 -6.48 -10.94 -13.09
C ILE A 336 -6.71 -12.17 -13.94
N ASP A 337 -6.66 -11.99 -15.26
CA ASP A 337 -6.88 -13.10 -16.17
C ASP A 337 -5.80 -14.16 -16.01
N ARG A 338 -6.23 -15.41 -16.14
CA ARG A 338 -5.34 -16.57 -16.03
C ARG A 338 -4.09 -16.44 -16.92
N LYS A 339 -4.29 -15.96 -18.15
CA LYS A 339 -3.18 -15.82 -19.09
C LYS A 339 -2.10 -14.86 -18.60
N SER A 340 -2.52 -13.79 -17.92
CA SER A 340 -1.58 -12.83 -17.37
C SER A 340 -0.71 -13.47 -16.29
N LYS A 341 -1.35 -14.26 -15.44
CA LYS A 341 -0.63 -14.96 -14.39
C LYS A 341 0.33 -16.01 -14.96
N GLU A 342 -0.09 -16.67 -16.03
CA GLU A 342 0.78 -17.63 -16.71
C GLU A 342 1.96 -16.92 -17.37
N PHE A 343 1.69 -15.72 -17.88
CA PHE A 343 2.73 -14.92 -18.51
C PHE A 343 3.80 -14.56 -17.47
N LEU A 344 3.34 -14.15 -16.29
CA LEU A 344 4.25 -13.71 -15.24
C LEU A 344 5.07 -14.88 -14.69
N SER A 345 4.45 -16.05 -14.57
CA SER A 345 5.15 -17.26 -14.12
C SER A 345 6.34 -17.56 -15.04
N LYS A 346 6.08 -17.52 -16.34
CA LYS A 346 7.11 -17.82 -17.34
C LYS A 346 8.30 -16.88 -17.22
N LYS A 347 8.02 -15.59 -17.08
CA LYS A 347 9.05 -14.57 -16.97
C LYS A 347 9.86 -14.72 -15.68
N ILE A 348 9.18 -15.02 -14.58
CA ILE A 348 9.85 -15.18 -13.29
C ILE A 348 10.72 -16.44 -13.28
N GLU A 349 10.17 -17.53 -13.80
CA GLU A 349 10.92 -18.78 -13.91
C GLU A 349 12.17 -18.60 -14.74
N TYR A 350 12.04 -17.87 -15.84
CA TYR A 350 13.17 -17.60 -16.72
C TYR A 350 14.29 -16.89 -15.97
N GLU A 351 13.95 -15.77 -15.32
CA GLU A 351 14.92 -14.99 -14.54
C GLU A 351 15.54 -15.85 -13.44
N ARG A 352 14.70 -16.61 -12.77
CA ARG A 352 15.12 -17.51 -11.70
C ARG A 352 16.10 -18.57 -12.20
N ASN A 353 15.86 -19.08 -13.40
CA ASN A 353 16.66 -20.17 -13.96
C ASN A 353 17.96 -19.71 -14.60
N ASN A 354 18.08 -18.40 -14.81
CA ASN A 354 19.19 -17.87 -15.59
C ASN A 354 20.00 -16.78 -14.87
N GLY A 355 19.92 -16.78 -13.55
CA GLY A 355 20.73 -15.89 -12.74
C GLY A 355 20.24 -14.46 -12.69
N PHE A 356 18.96 -14.27 -13.00
CA PHE A 356 18.33 -12.94 -12.96
C PHE A 356 19.04 -11.88 -13.80
N PRO A 357 19.15 -12.09 -15.12
CA PRO A 357 19.78 -11.08 -15.98
C PRO A 357 19.06 -9.73 -15.95
N ILE A 358 17.78 -9.71 -15.59
CA ILE A 358 17.03 -8.47 -15.58
C ILE A 358 17.47 -7.53 -14.45
N PHE A 359 18.12 -8.10 -13.44
CA PHE A 359 18.71 -7.30 -12.37
C PHE A 359 19.86 -6.42 -12.85
N ASP A 360 20.41 -6.72 -14.02
CA ASP A 360 21.48 -5.90 -14.59
C ASP A 360 20.89 -4.87 -15.54
N LYS A 361 19.71 -4.38 -15.19
CA LYS A 361 18.96 -3.42 -16.01
C LYS A 361 18.68 -3.97 -17.40
ZN ZN D . 14.82 -7.79 11.36
MG MG E . 4.44 3.86 -2.86
MG MG F . 1.75 4.97 -4.63
PG GH3 G . 5.83 1.03 -3.90
O1G GH3 G . 5.64 0.17 -4.98
O2G GH3 G . 7.15 0.86 -3.52
O3G GH3 G . 5.41 2.32 -3.95
O3B GH3 G . 5.04 0.36 -2.72
PB GH3 G . 4.16 0.97 -1.81
O1B GH3 G . 4.05 0.12 -0.60
O2B GH3 G . 4.45 2.29 -1.30
O3A GH3 G . 2.76 0.95 -2.33
PA GH3 G . 1.83 1.95 -3.09
O1A GH3 G . 0.80 2.37 -2.29
O2A GH3 G . 2.52 3.12 -3.43
O5' GH3 G . 1.18 1.39 -4.26
C5' GH3 G . 1.16 0.00 -4.49
C4' GH3 G . 0.32 -0.45 -5.68
O4' GH3 G . -0.38 -1.57 -5.28
C3' GH3 G . -0.70 0.56 -6.05
C2' GH3 G . -2.00 0.02 -5.70
O2' GH3 G . -2.90 0.32 -6.77
C1' GH3 G . -1.70 -1.43 -5.66
N9 GH3 G . -2.59 -2.00 -4.67
C8 GH3 G . -3.45 -2.93 -4.87
N7 GH3 G . -4.06 -3.16 -3.76
C5 GH3 G . -3.57 -2.37 -2.88
C6 GH3 G . -3.87 -2.26 -1.63
O6 GH3 G . -4.75 -2.97 -1.21
N1 GH3 G . -3.23 -1.36 -0.87
C2 GH3 G . -2.26 -0.58 -1.46
N2 GH3 G . -1.58 0.30 -0.79
N3 GH3 G . -2.00 -0.75 -2.72
C4 GH3 G . -2.66 -1.64 -3.42
C4 GDO H . -3.62 3.14 -1.01
C5 GDO H . -4.29 2.08 -0.61
C6 GDO H . -4.37 1.84 0.69
N1 GDO H . -3.80 2.62 1.58
C8 GDO H . -4.37 2.16 -2.75
N2 GDO H . -2.52 4.45 2.08
O6 GDO H . -4.97 0.90 1.16
N3 GDO H . -3.02 3.94 -0.13
P GDO H . -4.30 1.03 -6.48
OP1 GDO H . -5.19 -0.02 -5.87
OP2 GDO H . -5.02 1.36 -7.78
O5' GDO H . -4.17 2.19 -5.67
C5' GDO H . -3.48 3.26 -6.27
C4' GDO H . -2.78 4.14 -5.26
O4' GDO H . -3.65 4.26 -4.27
C3' GDO H . -1.73 3.42 -4.64
C2' GDO H . -1.63 3.99 -3.31
O2' GDO H . -1.01 5.20 -3.33
C1' GDO H . -3.00 4.24 -3.05
N9 GDO H . -3.65 3.15 -2.31
N7 GDO H . -4.76 1.50 -1.68
C2 GDO H . -3.09 3.68 1.17
#